data_2VOR
#
_entry.id   2VOR
#
_cell.length_a   112.396
_cell.length_b   112.396
_cell.length_c   112.396
_cell.angle_alpha   90.00
_cell.angle_beta   90.00
_cell.angle_gamma   90.00
#
_symmetry.space_group_name_H-M   'P 21 3'
#
loop_
_entity.id
_entity.type
_entity.pdbx_description
1 polymer 'FOLYLPOLYGLUTAMATE SYNTHASE PROTEIN FOLC'
2 non-polymer 'PHOSPHOMETHYLPHOSPHONIC ACID ADENYLATE ESTER'
3 non-polymer 'COBALT (II) ION'
4 non-polymer GLYCEROL
5 water water
#
_entity_poly.entity_id   1
_entity_poly.type   'polypeptide(L)'
_entity_poly.pdbx_seq_one_letter_code
;MNSTNSGPPDSGSATGVVPTPDEIASLLQVEHLLDQRWPETRIDPSLTRISALMDLLGSPQRSYPSIHIAGTNGKTSVAR
MVDALVTALHRRTGRTTSPHLQSPVERISIDGKPISPAQYVATYREIEPLVALIDQQSQASAGKGGPAMSKFEVLTAMAF
AAFADAPVDVAVVEVGMGGRWDATNVINAPVAVITPISIDHVDYLGADIAGIAGEKAGIITRAPDGSPDTVAVIGRQVPK
VMEVLLAESVRADASVAREDSEFAVLRRQIAVGGQVLQLQGLGGVYSDIYLPLHGEHQAHNAVLALASVEAFFGAGAQRQ
LDGDAVRAGFAAVTSPGRLERMRSAPTVFIDAAHNPAGASALAQTLAHEFDFRFLVGVLSVLGDKDVDGILAALEPVFDS
VVVTHNGSPRALDVEALALAAGERFGPDRVRTAENLRDAIDVATSLVDDAAADPDVAGDAFSRTGIVITGSVVTAGAART
LFGRDPQ
;
_entity_poly.pdbx_strand_id   A
#
# COMPACT_ATOMS: atom_id res chain seq x y z
N ASP A 22 -0.13 23.77 17.14
CA ASP A 22 1.33 24.08 17.02
C ASP A 22 2.36 22.91 16.75
N GLU A 23 2.22 21.77 17.44
CA GLU A 23 2.96 20.57 17.03
C GLU A 23 2.69 20.48 15.53
N ILE A 24 1.47 20.84 15.19
CA ILE A 24 0.98 20.80 13.83
C ILE A 24 1.63 21.89 12.93
N ALA A 25 1.91 23.06 13.50
CA ALA A 25 2.59 24.10 12.74
C ALA A 25 3.91 23.56 12.28
N SER A 26 4.61 22.91 13.22
CA SER A 26 5.95 22.33 13.02
C SER A 26 5.81 21.23 11.99
N LEU A 27 4.79 20.40 12.12
CA LEU A 27 4.58 19.35 11.15
C LEU A 27 4.36 19.89 9.72
N LEU A 28 3.53 20.93 9.55
CA LEU A 28 3.33 21.54 8.21
C LEU A 28 4.61 22.18 7.68
N GLN A 29 5.35 22.78 8.62
CA GLN A 29 6.62 23.44 8.31
C GLN A 29 7.67 22.46 7.78
N VAL A 30 7.72 21.27 8.37
CA VAL A 30 8.60 20.25 7.89
C VAL A 30 8.14 19.73 6.54
N GLU A 31 6.83 19.50 6.36
CA GLU A 31 6.28 18.99 5.08
C GLU A 31 6.61 19.92 3.93
N HIS A 32 6.37 21.22 4.16
CA HIS A 32 6.76 22.27 3.22
C HIS A 32 8.25 22.25 2.81
N LEU A 33 9.20 22.02 3.71
CA LEU A 33 10.61 21.98 3.28
C LEU A 33 10.93 20.74 2.45
N LEU A 34 10.38 19.61 2.86
CA LEU A 34 10.59 18.35 2.23
C LEU A 34 10.08 18.41 0.77
N ASP A 35 8.89 19.01 0.60
CA ASP A 35 8.24 19.23 -0.72
C ASP A 35 9.01 20.14 -1.65
N GLN A 36 10.02 20.82 -1.14
CA GLN A 36 10.90 21.59 -2.00
C GLN A 36 12.10 20.76 -2.52
N ARG A 37 12.18 19.49 -2.10
CA ARG A 37 13.07 18.47 -2.68
C ARG A 37 12.26 17.68 -3.75
N PRO A 45 19.18 6.59 -10.66
CA PRO A 45 19.01 6.30 -9.23
C PRO A 45 20.25 5.59 -8.70
N SER A 46 20.88 6.20 -7.71
CA SER A 46 22.02 5.56 -7.05
C SER A 46 21.56 5.27 -5.63
N LEU A 47 22.38 4.60 -4.83
CA LEU A 47 22.15 4.48 -3.38
C LEU A 47 23.18 5.31 -2.61
N THR A 48 23.97 6.09 -3.35
CA THR A 48 25.11 6.82 -2.80
C THR A 48 24.71 7.81 -1.71
N ARG A 49 23.61 8.51 -1.95
CA ARG A 49 23.24 9.57 -1.02
C ARG A 49 22.63 8.97 0.23
N ILE A 50 21.68 8.08 0.03
CA ILE A 50 21.09 7.39 1.19
C ILE A 50 22.12 6.55 1.98
N SER A 51 23.04 5.80 1.32
CA SER A 51 24.15 5.15 2.03
C SER A 51 25.06 6.08 2.86
N ALA A 52 25.58 7.13 2.25
CA ALA A 52 26.39 8.11 3.00
C ALA A 52 25.60 8.63 4.20
N LEU A 53 24.34 8.96 4.00
CA LEU A 53 23.50 9.42 5.09
C LEU A 53 23.44 8.40 6.20
N MET A 54 23.11 7.13 5.90
CA MET A 54 23.00 6.14 6.93
C MET A 54 24.30 5.94 7.67
N ASP A 55 25.42 5.86 6.93
CA ASP A 55 26.76 5.84 7.55
C ASP A 55 26.96 6.98 8.55
N LEU A 56 26.60 8.23 8.19
CA LEU A 56 26.72 9.35 9.10
C LEU A 56 25.82 9.17 10.31
N LEU A 57 24.66 8.52 10.12
CA LEU A 57 23.70 8.31 11.23
C LEU A 57 24.11 7.20 12.18
N GLY A 58 25.16 6.45 11.80
CA GLY A 58 25.60 5.34 12.67
C GLY A 58 24.99 4.01 12.26
N SER A 59 24.43 3.98 11.04
CA SER A 59 23.89 2.78 10.47
C SER A 59 22.72 2.18 11.28
N PRO A 60 21.74 3.01 11.67
CA PRO A 60 20.62 2.49 12.48
C PRO A 60 19.78 1.39 11.79
N GLN A 61 19.79 1.33 10.47
CA GLN A 61 18.92 0.40 9.69
C GLN A 61 19.58 -0.98 9.63
N ARG A 62 20.74 -1.10 10.27
CA ARG A 62 21.34 -2.38 10.39
C ARG A 62 21.29 -2.84 11.85
N SER A 63 20.56 -2.11 12.72
CA SER A 63 20.55 -2.49 14.16
C SER A 63 19.33 -3.32 14.51
N TYR A 64 18.58 -3.72 13.51
CA TYR A 64 17.41 -4.54 13.72
C TYR A 64 17.24 -5.23 12.39
N PRO A 65 16.59 -6.39 12.36
CA PRO A 65 16.23 -7.11 11.11
C PRO A 65 14.95 -6.56 10.47
N SER A 66 14.74 -6.77 9.18
CA SER A 66 13.61 -6.21 8.47
C SER A 66 12.89 -7.24 7.61
N ILE A 67 11.60 -7.02 7.35
CA ILE A 67 10.86 -7.74 6.38
C ILE A 67 10.57 -6.64 5.33
N HIS A 68 11.03 -6.85 4.10
CA HIS A 68 11.15 -5.82 3.09
C HIS A 68 10.17 -6.20 2.02
N ILE A 69 9.33 -5.28 1.58
CA ILE A 69 8.24 -5.61 0.67
C ILE A 69 8.16 -4.69 -0.57
N ALA A 70 8.06 -5.31 -1.77
CA ALA A 70 8.07 -4.68 -3.10
C ALA A 70 6.95 -5.33 -3.83
N GLY A 71 6.57 -4.85 -5.00
CA GLY A 71 5.46 -5.47 -5.76
C GLY A 71 4.66 -4.32 -6.28
N THR A 72 3.60 -4.61 -7.03
CA THR A 72 2.81 -3.54 -7.58
C THR A 72 1.57 -3.26 -6.70
N ASN A 73 0.92 -4.30 -6.28
CA ASN A 73 -0.28 -4.15 -5.50
C ASN A 73 -0.20 -4.93 -4.18
N GLY A 74 -0.73 -4.32 -3.10
CA GLY A 74 -0.92 -5.02 -1.87
C GLY A 74 0.25 -4.78 -1.02
N LYS A 75 1.21 -3.96 -1.39
CA LYS A 75 2.34 -3.85 -0.52
C LYS A 75 1.99 -3.31 0.86
N THR A 76 1.17 -2.25 0.84
CA THR A 76 0.74 -1.60 2.12
C THR A 76 -0.08 -2.50 3.01
N SER A 77 -1.09 -3.12 2.43
CA SER A 77 -1.83 -4.13 3.08
C SER A 77 -1.03 -5.26 3.74
N VAL A 78 -0.11 -5.87 2.96
CA VAL A 78 0.75 -6.93 3.41
C VAL A 78 1.60 -6.38 4.52
N ALA A 79 2.14 -5.16 4.35
CA ALA A 79 2.96 -4.62 5.42
C ALA A 79 2.20 -4.51 6.78
N ARG A 80 0.89 -4.19 6.71
CA ARG A 80 0.07 -3.97 7.89
C ARG A 80 -0.29 -5.31 8.52
N MET A 81 -0.58 -6.29 7.67
CA MET A 81 -0.85 -7.60 8.07
C MET A 81 0.34 -8.24 8.74
N VAL A 82 1.52 -8.09 8.16
CA VAL A 82 2.76 -8.53 8.76
C VAL A 82 2.98 -7.93 10.11
N ASP A 83 2.87 -6.60 10.20
CA ASP A 83 2.95 -5.87 11.49
C ASP A 83 1.98 -6.39 12.55
N ALA A 84 0.75 -6.69 12.11
CA ALA A 84 -0.22 -7.24 13.05
C ALA A 84 0.16 -8.63 13.60
N LEU A 85 0.63 -9.51 12.73
CA LEU A 85 1.08 -10.86 13.10
C LEU A 85 2.31 -10.85 13.94
N VAL A 86 3.29 -10.00 13.66
CA VAL A 86 4.47 -9.95 14.50
C VAL A 86 4.10 -9.33 15.89
N THR A 87 3.15 -8.40 15.91
CA THR A 87 2.69 -7.81 17.15
C THR A 87 1.92 -8.83 18.00
N ALA A 88 1.12 -9.68 17.36
CA ALA A 88 0.40 -10.78 18.00
C ALA A 88 1.37 -11.89 18.53
N LEU A 89 2.59 -11.97 18.00
CA LEU A 89 3.63 -12.81 18.58
C LEU A 89 4.42 -11.99 19.62
N HIS A 90 4.02 -10.77 19.90
CA HIS A 90 4.62 -10.01 20.99
C HIS A 90 6.03 -9.37 20.88
N ARG A 91 6.54 -9.29 19.65
CA ARG A 91 7.72 -8.49 19.33
C ARG A 91 7.36 -7.03 18.95
N ARG A 92 8.19 -6.08 19.33
CA ARG A 92 7.91 -4.67 19.03
C ARG A 92 8.24 -4.42 17.56
N THR A 93 7.30 -3.81 16.83
CA THR A 93 7.49 -3.58 15.40
C THR A 93 7.71 -2.10 15.13
N GLY A 94 8.50 -1.83 14.12
CA GLY A 94 8.46 -0.54 13.41
C GLY A 94 7.95 -0.88 12.00
N ARG A 95 7.17 0.01 11.39
CA ARG A 95 6.64 -0.19 10.09
C ARG A 95 6.67 1.13 9.31
N THR A 96 7.29 1.10 8.13
CA THR A 96 7.23 2.27 7.27
C THR A 96 6.52 1.85 6.01
N THR A 97 5.49 2.61 5.64
CA THR A 97 4.67 2.37 4.51
C THR A 97 4.52 3.64 3.67
N SER A 98 4.07 3.50 2.43
CA SER A 98 3.86 4.65 1.54
C SER A 98 2.92 4.27 0.45
N PRO A 99 2.32 5.30 -0.19
CA PRO A 99 2.36 6.69 0.33
C PRO A 99 1.40 6.89 1.53
N HIS A 100 1.36 8.07 2.17
CA HIS A 100 0.29 8.29 3.21
C HIS A 100 -1.05 8.71 2.64
N LEU A 101 -2.14 8.39 3.32
CA LEU A 101 -3.47 8.77 2.91
C LEU A 101 -3.83 10.19 3.40
N GLN A 102 -3.63 10.42 4.71
CA GLN A 102 -4.08 11.65 5.38
C GLN A 102 -2.93 12.45 5.96
N SER A 103 -1.99 11.79 6.61
CA SER A 103 -0.98 12.57 7.30
C SER A 103 0.34 11.87 7.15
N PRO A 104 1.39 12.63 6.84
CA PRO A 104 2.75 12.06 6.77
C PRO A 104 3.10 11.13 7.96
N VAL A 105 2.56 11.38 9.17
CA VAL A 105 2.91 10.58 10.37
C VAL A 105 2.63 9.14 10.11
N GLU A 106 1.75 8.84 9.15
CA GLU A 106 1.42 7.47 8.92
C GLU A 106 2.55 6.63 8.32
N ARG A 107 3.57 7.31 7.79
CA ARG A 107 4.71 6.71 7.12
C ARG A 107 5.63 5.98 8.12
N ILE A 108 5.69 6.45 9.35
CA ILE A 108 6.46 5.85 10.38
C ILE A 108 5.58 5.36 11.55
N SER A 109 5.40 4.04 11.73
CA SER A 109 4.66 3.52 12.85
C SER A 109 5.52 2.70 13.81
N ILE A 110 5.18 2.71 15.10
CA ILE A 110 5.83 1.92 16.16
C ILE A 110 4.67 1.18 16.90
N ASP A 111 4.79 -0.12 17.12
CA ASP A 111 3.77 -0.90 17.82
C ASP A 111 2.41 -0.89 17.13
N GLY A 112 2.38 -0.77 15.80
CA GLY A 112 1.08 -0.73 15.13
C GLY A 112 0.44 0.67 15.06
N LYS A 113 1.09 1.74 15.51
CA LYS A 113 0.48 3.06 15.54
C LYS A 113 1.35 4.16 14.97
N PRO A 114 0.77 5.09 14.18
CA PRO A 114 1.65 6.17 13.66
C PRO A 114 2.30 6.94 14.81
N ILE A 115 3.52 7.41 14.65
CA ILE A 115 4.12 8.21 15.67
C ILE A 115 3.33 9.52 15.68
N SER A 116 3.68 10.44 16.58
CA SER A 116 2.86 11.65 16.75
C SER A 116 3.48 12.74 15.92
N PRO A 117 2.70 13.81 15.72
CA PRO A 117 3.33 14.97 15.06
C PRO A 117 4.59 15.46 15.79
N ALA A 118 4.59 15.58 17.12
CA ALA A 118 5.82 15.92 17.81
C ALA A 118 7.04 15.01 17.50
N GLN A 119 6.89 13.68 17.61
CA GLN A 119 7.98 12.72 17.37
C GLN A 119 8.48 12.73 15.95
N TYR A 120 7.60 12.96 14.99
CA TYR A 120 7.98 13.08 13.59
C TYR A 120 8.85 14.33 13.30
N VAL A 121 8.42 15.50 13.79
CA VAL A 121 9.26 16.69 13.74
C VAL A 121 10.59 16.48 14.48
N ALA A 122 10.55 15.83 15.63
CA ALA A 122 11.74 15.60 16.45
C ALA A 122 12.68 14.71 15.70
N THR A 123 12.13 13.71 15.00
CA THR A 123 12.92 12.76 14.24
C THR A 123 13.56 13.44 13.04
N TYR A 124 12.82 14.31 12.38
CA TYR A 124 13.35 15.17 11.35
C TYR A 124 14.51 16.07 11.92
N ARG A 125 14.31 16.73 13.06
CA ARG A 125 15.40 17.58 13.56
C ARG A 125 16.68 16.84 13.90
N GLU A 126 16.53 15.61 14.32
CA GLU A 126 17.63 14.89 14.87
C GLU A 126 18.59 14.53 13.72
N ILE A 127 18.01 14.11 12.60
CA ILE A 127 18.78 13.82 11.38
C ILE A 127 19.17 15.03 10.44
N GLU A 128 18.50 16.17 10.57
CA GLU A 128 18.75 17.28 9.63
C GLU A 128 20.23 17.77 9.47
N PRO A 129 21.01 17.83 10.57
CA PRO A 129 22.40 18.26 10.44
C PRO A 129 23.23 17.36 9.53
N LEU A 130 22.96 16.04 9.59
CA LEU A 130 23.58 15.06 8.71
C LEU A 130 23.00 15.08 7.28
N VAL A 131 21.70 15.29 7.14
CA VAL A 131 21.15 15.55 5.80
C VAL A 131 21.81 16.78 5.14
N ALA A 132 21.84 17.94 5.83
CA ALA A 132 22.52 19.13 5.32
C ALA A 132 23.93 18.81 4.87
N LEU A 133 24.59 17.91 5.59
CA LEU A 133 25.99 17.63 5.36
C LEU A 133 26.09 16.85 4.09
N ILE A 134 25.17 15.90 3.91
CA ILE A 134 25.11 15.14 2.67
C ILE A 134 24.72 16.01 1.46
N ASP A 135 23.78 16.95 1.67
CA ASP A 135 23.40 17.93 0.61
C ASP A 135 24.60 18.74 0.12
N GLN A 136 25.38 19.23 1.08
CA GLN A 136 26.48 20.15 0.78
C GLN A 136 27.62 19.38 0.03
N GLN A 137 28.06 18.24 0.60
CA GLN A 137 29.13 17.39 0.00
C GLN A 137 28.82 16.93 -1.44
N SER A 138 27.55 16.58 -1.62
CA SER A 138 27.02 16.17 -2.91
C SER A 138 26.96 17.34 -3.90
N GLN A 139 26.49 18.50 -3.44
CA GLN A 139 26.59 19.74 -4.23
C GLN A 139 28.02 20.27 -4.53
N ALA A 140 29.01 19.93 -3.68
CA ALA A 140 30.43 20.40 -3.87
C ALA A 140 31.22 19.54 -4.85
N SER A 141 30.58 18.44 -5.28
CA SER A 141 30.92 17.68 -6.50
C SER A 141 30.43 16.25 -6.36
N PRO A 147 23.27 17.69 -6.60
CA PRO A 147 22.05 16.87 -6.26
C PRO A 147 21.79 16.76 -4.76
N ALA A 148 20.85 17.55 -4.22
CA ALA A 148 20.39 17.36 -2.82
C ALA A 148 19.70 15.99 -2.62
N MET A 149 19.57 15.56 -1.36
CA MET A 149 18.77 14.36 -1.01
C MET A 149 17.30 14.54 -1.38
N SER A 150 16.62 13.48 -1.81
CA SER A 150 15.20 13.61 -2.21
C SER A 150 14.30 13.58 -0.94
N LYS A 151 13.01 13.81 -1.14
CA LYS A 151 12.09 13.76 -0.06
C LYS A 151 11.99 12.33 0.46
N PHE A 152 11.93 11.36 -0.45
CA PHE A 152 11.84 9.99 -0.01
C PHE A 152 13.10 9.49 0.72
N GLU A 153 14.29 9.77 0.20
CA GLU A 153 15.50 9.52 0.96
C GLU A 153 15.43 10.09 2.42
N VAL A 154 15.01 11.33 2.59
CA VAL A 154 14.86 11.87 3.92
C VAL A 154 13.84 11.13 4.79
N LEU A 155 12.66 10.80 4.22
CA LEU A 155 11.65 10.08 4.96
C LEU A 155 12.14 8.68 5.42
N THR A 156 12.81 7.96 4.52
CA THR A 156 13.37 6.69 4.80
C THR A 156 14.36 6.83 5.95
N ALA A 157 15.30 7.77 5.86
CA ALA A 157 16.28 7.96 6.92
C ALA A 157 15.57 8.19 8.30
N MET A 158 14.45 8.91 8.25
CA MET A 158 13.68 9.28 9.41
C MET A 158 13.09 8.01 10.02
N ALA A 159 12.49 7.19 9.17
CA ALA A 159 11.89 5.93 9.66
C ALA A 159 12.96 5.05 10.29
N PHE A 160 14.09 4.86 9.56
CA PHE A 160 15.20 4.00 10.06
C PHE A 160 15.76 4.49 11.40
N ALA A 161 15.94 5.81 11.52
CA ALA A 161 16.45 6.42 12.75
C ALA A 161 15.44 6.36 13.89
N ALA A 162 14.15 6.56 13.59
CA ALA A 162 13.07 6.37 14.57
C ALA A 162 12.97 4.93 15.10
N PHE A 163 13.23 3.96 14.21
CA PHE A 163 13.26 2.54 14.60
C PHE A 163 14.32 2.23 15.66
N ALA A 164 15.53 2.78 15.44
CA ALA A 164 16.65 2.65 16.41
C ALA A 164 16.35 3.45 17.67
N ASP A 165 15.67 4.59 17.56
CA ASP A 165 15.36 5.41 18.77
C ASP A 165 14.36 4.70 19.64
N ALA A 166 13.55 3.83 19.06
CA ALA A 166 12.34 3.39 19.79
C ALA A 166 12.64 2.47 20.99
N PRO A 167 13.44 1.39 20.82
CA PRO A 167 13.98 0.75 19.63
C PRO A 167 13.00 -0.35 19.27
N VAL A 168 13.11 -1.03 18.15
CA VAL A 168 12.07 -2.00 17.78
C VAL A 168 12.75 -3.37 17.77
N ASP A 169 11.97 -4.46 17.63
CA ASP A 169 12.57 -5.80 17.53
C ASP A 169 12.67 -6.15 16.07
N VAL A 170 11.75 -5.61 15.26
CA VAL A 170 11.66 -6.00 13.90
C VAL A 170 11.08 -4.81 13.17
N ALA A 171 11.56 -4.53 11.96
CA ALA A 171 10.99 -3.49 11.08
C ALA A 171 10.33 -4.12 9.85
N VAL A 172 9.19 -3.55 9.47
CA VAL A 172 8.49 -3.94 8.27
C VAL A 172 8.55 -2.72 7.29
N VAL A 173 9.16 -2.96 6.13
CA VAL A 173 9.64 -1.90 5.29
C VAL A 173 9.08 -2.10 3.90
N GLU A 174 8.14 -1.24 3.55
CA GLU A 174 7.63 -1.10 2.21
C GLU A 174 8.52 -0.22 1.29
N VAL A 175 8.77 -0.74 0.11
CA VAL A 175 9.49 -0.05 -0.94
C VAL A 175 8.70 1.21 -1.37
N GLY A 176 9.43 2.31 -1.57
CA GLY A 176 8.77 3.51 -2.11
C GLY A 176 8.43 3.29 -3.59
N MET A 177 9.42 2.90 -4.39
CA MET A 177 9.19 2.62 -5.79
C MET A 177 10.24 1.63 -6.20
N GLY A 178 9.88 0.68 -7.08
CA GLY A 178 10.80 -0.36 -7.58
C GLY A 178 11.46 -1.25 -6.51
N GLY A 179 12.77 -1.16 -6.35
CA GLY A 179 13.43 -1.84 -5.25
C GLY A 179 14.93 -1.77 -5.29
N ARG A 180 15.50 -2.05 -6.47
CA ARG A 180 16.96 -2.11 -6.62
C ARG A 180 17.64 -0.81 -6.14
N TRP A 181 17.07 0.32 -6.55
CA TRP A 181 17.66 1.61 -6.22
C TRP A 181 16.73 2.43 -5.31
N ASP A 182 15.78 1.76 -4.63
CA ASP A 182 14.87 2.46 -3.75
C ASP A 182 15.62 2.89 -2.51
N ALA A 183 15.24 4.01 -1.89
CA ALA A 183 15.93 4.45 -0.67
C ALA A 183 15.96 3.35 0.38
N THR A 184 14.94 2.50 0.44
CA THR A 184 14.87 1.50 1.52
C THR A 184 15.92 0.35 1.35
N ASN A 185 16.54 0.31 0.18
CA ASN A 185 17.33 -0.82 -0.23
C ASN A 185 18.74 -0.80 0.35
N VAL A 186 18.83 -0.44 1.63
CA VAL A 186 20.12 -0.38 2.32
C VAL A 186 20.06 -1.26 3.59
N ILE A 187 19.23 -2.31 3.57
CA ILE A 187 18.93 -3.06 4.81
C ILE A 187 19.34 -4.55 4.77
N ASN A 188 19.46 -5.13 3.56
CA ASN A 188 19.93 -6.54 3.46
C ASN A 188 18.95 -7.43 4.25
N ALA A 189 17.66 -7.20 4.02
CA ALA A 189 16.56 -7.84 4.77
C ALA A 189 16.68 -9.37 4.68
N PRO A 190 16.51 -10.06 5.84
CA PRO A 190 16.48 -11.54 5.89
C PRO A 190 15.20 -12.12 5.22
N VAL A 191 14.15 -11.31 5.06
CA VAL A 191 12.98 -11.76 4.34
C VAL A 191 12.56 -10.67 3.36
N ALA A 192 12.36 -11.08 2.10
CA ALA A 192 11.98 -10.19 1.03
C ALA A 192 10.73 -10.71 0.40
N VAL A 193 9.70 -9.88 0.32
CA VAL A 193 8.37 -10.34 -0.06
C VAL A 193 8.09 -9.65 -1.33
N ILE A 194 7.50 -10.36 -2.31
CA ILE A 194 7.17 -9.74 -3.60
C ILE A 194 5.71 -10.03 -3.84
N THR A 195 4.90 -9.00 -3.76
CA THR A 195 3.48 -9.12 -3.97
C THR A 195 3.17 -9.04 -5.49
N PRO A 196 1.89 -9.23 -5.88
CA PRO A 196 1.68 -9.32 -7.34
C PRO A 196 2.20 -8.10 -8.14
N ILE A 197 2.88 -8.38 -9.25
CA ILE A 197 3.50 -7.37 -10.09
C ILE A 197 2.63 -7.17 -11.33
N SER A 198 2.31 -5.91 -11.64
CA SER A 198 1.52 -5.62 -12.86
C SER A 198 1.69 -4.13 -13.27
N ILE A 199 0.89 -3.62 -14.18
CA ILE A 199 1.08 -2.21 -14.59
C ILE A 199 0.49 -1.22 -13.58
N ASP A 200 1.24 -0.16 -13.30
CA ASP A 200 0.78 0.93 -12.41
C ASP A 200 1.13 2.32 -12.96
N HIS A 201 2.39 2.70 -12.81
CA HIS A 201 2.95 3.89 -13.41
C HIS A 201 3.25 3.64 -14.91
N VAL A 202 2.75 4.47 -15.79
CA VAL A 202 2.83 4.14 -17.23
C VAL A 202 3.86 5.05 -17.95
N ASP A 203 4.95 4.45 -18.46
CA ASP A 203 5.94 5.12 -19.37
C ASP A 203 5.78 4.66 -20.82
N TYR A 204 5.32 3.43 -21.01
CA TYR A 204 5.10 2.87 -22.33
C TYR A 204 3.77 2.19 -22.35
N LEU A 205 3.17 2.08 -23.53
CA LEU A 205 2.03 1.17 -23.79
C LEU A 205 2.32 -0.34 -23.76
N GLY A 206 3.33 -0.82 -24.49
CA GLY A 206 3.74 -2.23 -24.47
C GLY A 206 4.39 -2.45 -23.13
N ALA A 207 4.21 -3.62 -22.54
CA ALA A 207 4.69 -3.89 -21.16
C ALA A 207 6.08 -4.58 -21.11
N ASP A 208 7.09 -3.93 -20.54
CA ASP A 208 8.34 -4.67 -20.28
C ASP A 208 8.30 -5.45 -18.95
N ILE A 209 7.23 -6.24 -18.77
CA ILE A 209 6.94 -6.97 -17.51
C ILE A 209 8.22 -7.41 -16.78
N ALA A 210 9.15 -7.99 -17.54
CA ALA A 210 10.41 -8.51 -17.01
C ALA A 210 11.53 -7.50 -16.63
N GLY A 211 11.54 -6.30 -17.22
CA GLY A 211 12.43 -5.22 -16.75
C GLY A 211 11.91 -4.62 -15.44
N ILE A 212 10.58 -4.52 -15.34
CA ILE A 212 9.88 -4.11 -14.10
C ILE A 212 10.12 -5.09 -12.94
N ALA A 213 9.87 -6.37 -13.16
CA ALA A 213 10.24 -7.45 -12.23
C ALA A 213 11.69 -7.41 -11.78
N GLY A 214 12.65 -7.23 -12.69
CA GLY A 214 14.09 -7.20 -12.33
C GLY A 214 14.48 -6.11 -11.33
N GLU A 215 13.82 -4.98 -11.42
CA GLU A 215 14.10 -3.87 -10.52
C GLU A 215 13.51 -4.08 -9.10
N LYS A 216 12.33 -4.69 -9.03
CA LYS A 216 11.72 -5.07 -7.75
C LYS A 216 12.49 -6.14 -7.00
N ALA A 217 13.03 -7.09 -7.76
CA ALA A 217 13.76 -8.19 -7.22
C ALA A 217 15.09 -7.73 -6.65
N GLY A 218 15.44 -6.47 -6.89
CA GLY A 218 16.70 -5.96 -6.37
C GLY A 218 16.64 -5.86 -4.84
N ILE A 219 15.45 -5.96 -4.25
CA ILE A 219 15.40 -6.14 -2.77
C ILE A 219 15.74 -7.57 -2.25
N ILE A 220 15.97 -8.52 -3.16
CA ILE A 220 16.40 -9.85 -2.74
C ILE A 220 17.94 -9.82 -2.81
N THR A 221 18.57 -9.78 -1.65
CA THR A 221 20.00 -9.62 -1.57
C THR A 221 20.62 -10.84 -0.86
N ARG A 222 21.92 -11.07 -1.08
CA ARG A 222 22.67 -12.09 -0.38
C ARG A 222 22.85 -11.85 1.15
N ALA A 223 22.55 -12.85 1.97
CA ALA A 223 22.72 -12.69 3.39
C ALA A 223 24.19 -12.56 3.87
N PRO A 224 24.39 -11.99 5.05
CA PRO A 224 25.75 -11.90 5.50
C PRO A 224 26.19 -13.13 6.35
N SER A 227 25.39 -16.62 9.43
CA SER A 227 24.07 -15.99 9.21
C SER A 227 23.25 -16.61 8.04
N PRO A 228 21.94 -17.01 8.29
CA PRO A 228 21.11 -17.87 7.39
C PRO A 228 20.69 -17.17 6.10
N ASP A 229 20.41 -17.97 5.06
CA ASP A 229 20.07 -17.43 3.71
C ASP A 229 18.81 -16.54 3.68
N THR A 230 18.85 -15.56 2.78
CA THR A 230 17.72 -14.68 2.55
C THR A 230 16.61 -15.60 2.08
N VAL A 231 15.37 -15.39 2.57
CA VAL A 231 14.15 -16.03 2.06
C VAL A 231 13.37 -15.04 1.22
N ALA A 232 13.01 -15.42 0.01
CA ALA A 232 12.16 -14.60 -0.84
C ALA A 232 10.75 -15.21 -0.84
N VAL A 233 9.75 -14.42 -0.51
CA VAL A 233 8.36 -14.89 -0.37
C VAL A 233 7.57 -14.16 -1.47
N ILE A 234 7.02 -14.94 -2.40
CA ILE A 234 6.50 -14.39 -3.64
C ILE A 234 5.04 -14.72 -3.76
N GLY A 235 4.22 -13.73 -4.09
CA GLY A 235 2.77 -13.91 -4.32
C GLY A 235 2.53 -14.50 -5.70
N ARG A 236 1.29 -14.41 -6.18
CA ARG A 236 0.94 -14.83 -7.53
C ARG A 236 1.51 -13.88 -8.59
N GLN A 237 2.25 -14.42 -9.56
CA GLN A 237 2.90 -13.61 -10.58
C GLN A 237 2.53 -14.23 -11.92
N VAL A 238 2.61 -13.49 -13.04
CA VAL A 238 2.59 -14.11 -14.39
C VAL A 238 3.99 -14.80 -14.66
N PRO A 239 4.02 -15.89 -15.45
CA PRO A 239 5.28 -16.66 -15.70
C PRO A 239 6.58 -15.86 -16.02
N LYS A 240 6.46 -14.79 -16.80
CA LYS A 240 7.64 -14.01 -17.14
C LYS A 240 8.15 -13.26 -15.94
N VAL A 241 7.27 -12.94 -14.97
CA VAL A 241 7.72 -12.35 -13.72
C VAL A 241 8.36 -13.40 -12.88
N MET A 242 7.62 -14.48 -12.67
CA MET A 242 8.14 -15.57 -11.90
C MET A 242 9.60 -15.91 -12.29
N GLU A 243 9.90 -16.00 -13.59
CA GLU A 243 11.22 -16.42 -14.05
C GLU A 243 12.33 -15.43 -13.64
N VAL A 244 12.01 -14.12 -13.68
CA VAL A 244 12.97 -13.07 -13.25
C VAL A 244 13.19 -13.11 -11.74
N LEU A 245 12.10 -13.18 -10.99
CA LEU A 245 12.22 -13.31 -9.53
C LEU A 245 13.08 -14.52 -9.16
N LEU A 246 12.80 -15.67 -9.76
CA LEU A 246 13.60 -16.92 -9.46
C LEU A 246 15.10 -16.81 -9.68
N ALA A 247 15.49 -16.08 -10.73
CA ALA A 247 16.90 -15.97 -11.10
C ALA A 247 17.67 -14.94 -10.24
N GLU A 248 16.96 -13.94 -9.70
CA GLU A 248 17.59 -13.09 -8.71
C GLU A 248 17.74 -13.89 -7.41
N SER A 249 16.73 -14.69 -7.10
CA SER A 249 16.77 -15.48 -5.89
C SER A 249 17.97 -16.38 -5.95
N VAL A 250 18.16 -17.06 -7.08
CA VAL A 250 19.42 -17.78 -7.36
C VAL A 250 20.69 -16.95 -7.10
N ARG A 251 20.85 -15.82 -7.80
CA ARG A 251 22.00 -14.92 -7.57
C ARG A 251 22.26 -14.56 -6.09
N ALA A 252 21.21 -14.42 -5.28
CA ALA A 252 21.44 -14.28 -3.82
C ALA A 252 21.49 -15.62 -3.06
N ASP A 253 21.56 -16.75 -3.75
CA ASP A 253 21.36 -18.03 -3.06
C ASP A 253 20.24 -17.80 -2.05
N ALA A 254 19.01 -17.62 -2.52
CA ALA A 254 17.93 -17.29 -1.62
C ALA A 254 16.92 -18.39 -1.69
N SER A 255 16.53 -18.86 -0.52
CA SER A 255 15.46 -19.81 -0.41
C SER A 255 14.13 -19.19 -0.90
N VAL A 256 13.35 -19.92 -1.70
CA VAL A 256 12.11 -19.37 -2.23
C VAL A 256 10.85 -20.00 -1.67
N ALA A 257 9.86 -19.19 -1.32
CA ALA A 257 8.54 -19.74 -0.98
C ALA A 257 7.51 -19.05 -1.87
N ARG A 258 6.86 -19.80 -2.74
CA ARG A 258 5.97 -19.15 -3.71
C ARG A 258 4.56 -19.52 -3.42
N GLU A 259 3.61 -18.62 -3.66
CA GLU A 259 2.21 -18.95 -3.42
C GLU A 259 1.80 -20.02 -4.37
N ASP A 260 0.93 -20.90 -3.91
CA ASP A 260 0.37 -22.02 -4.68
C ASP A 260 1.34 -23.15 -4.88
N SER A 261 2.53 -23.05 -4.31
CA SER A 261 3.39 -24.25 -4.14
C SER A 261 3.78 -24.49 -2.68
N GLU A 262 4.29 -23.46 -2.01
CA GLU A 262 4.73 -23.61 -0.62
C GLU A 262 3.69 -23.09 0.40
N PHE A 263 2.71 -22.31 -0.07
CA PHE A 263 1.59 -21.87 0.75
C PHE A 263 0.39 -21.49 -0.12
N ALA A 264 -0.80 -21.39 0.48
CA ALA A 264 -1.97 -21.08 -0.33
C ALA A 264 -3.21 -20.79 0.52
N VAL A 265 -4.17 -20.06 -0.05
CA VAL A 265 -5.46 -19.98 0.52
C VAL A 265 -6.22 -21.23 0.14
N LEU A 266 -6.55 -22.04 1.11
CA LEU A 266 -7.33 -23.28 0.89
C LEU A 266 -8.83 -23.02 0.81
N ARG A 267 -9.37 -22.25 1.74
CA ARG A 267 -10.83 -22.04 1.75
C ARG A 267 -11.09 -20.58 2.15
N ARG A 268 -12.23 -20.06 1.72
CA ARG A 268 -12.56 -18.69 1.87
C ARG A 268 -14.07 -18.62 1.99
N GLN A 269 -14.56 -17.85 2.94
CA GLN A 269 -15.95 -17.70 3.13
C GLN A 269 -16.30 -16.24 3.49
N ILE A 270 -17.19 -15.60 2.75
CA ILE A 270 -17.64 -14.25 3.09
C ILE A 270 -18.25 -14.26 4.49
N ALA A 271 -17.98 -13.22 5.30
CA ALA A 271 -18.51 -13.07 6.70
C ALA A 271 -18.92 -11.61 6.93
N VAL A 272 -19.81 -11.38 7.87
CA VAL A 272 -20.09 -10.04 8.33
C VAL A 272 -18.75 -9.32 8.63
N GLY A 273 -18.45 -8.25 7.93
CA GLY A 273 -17.21 -7.53 8.12
C GLY A 273 -15.99 -7.95 7.33
N GLY A 274 -16.07 -9.05 6.61
CA GLY A 274 -14.85 -9.55 6.09
C GLY A 274 -14.99 -10.93 5.51
N GLN A 275 -14.17 -11.83 5.99
CA GLN A 275 -14.07 -13.18 5.45
C GLN A 275 -13.47 -14.12 6.48
N VAL A 276 -13.71 -15.41 6.33
CA VAL A 276 -13.11 -16.41 7.16
C VAL A 276 -12.20 -17.27 6.29
N LEU A 277 -10.95 -17.45 6.69
CA LEU A 277 -9.94 -18.12 5.84
C LEU A 277 -9.49 -19.47 6.39
N GLN A 278 -9.17 -20.40 5.50
CA GLN A 278 -8.43 -21.54 5.90
C GLN A 278 -7.13 -21.48 5.06
N LEU A 279 -6.00 -21.39 5.72
CA LEU A 279 -4.79 -21.05 5.03
C LEU A 279 -3.77 -22.19 5.26
N GLN A 280 -3.07 -22.60 4.20
CA GLN A 280 -1.86 -23.40 4.39
C GLN A 280 -0.63 -22.50 4.44
N GLY A 281 -0.01 -22.36 5.60
CA GLY A 281 1.33 -21.74 5.68
C GLY A 281 2.53 -22.66 5.45
N LEU A 282 3.72 -22.19 5.82
CA LEU A 282 4.93 -22.99 5.65
C LEU A 282 4.92 -24.09 6.70
N GLY A 283 4.31 -23.81 7.85
CA GLY A 283 4.39 -24.76 8.96
C GLY A 283 3.13 -25.56 9.28
N GLY A 284 2.05 -25.36 8.56
CA GLY A 284 0.79 -26.07 8.83
C GLY A 284 -0.46 -25.37 8.22
N VAL A 285 -1.63 -26.00 8.37
CA VAL A 285 -2.90 -25.45 8.04
C VAL A 285 -3.43 -24.67 9.26
N TYR A 286 -3.88 -23.44 9.02
CA TYR A 286 -4.46 -22.56 10.08
C TYR A 286 -5.90 -22.29 9.74
N SER A 287 -6.83 -22.66 10.61
CA SER A 287 -8.26 -22.60 10.23
C SER A 287 -8.98 -21.52 10.97
N ASP A 288 -10.13 -21.12 10.44
CA ASP A 288 -11.03 -20.15 11.08
C ASP A 288 -10.33 -18.83 11.40
N ILE A 289 -9.63 -18.34 10.39
CA ILE A 289 -9.00 -17.07 10.53
C ILE A 289 -10.08 -16.08 10.12
N TYR A 290 -10.51 -15.23 11.05
CA TYR A 290 -11.40 -14.13 10.69
C TYR A 290 -10.53 -12.95 10.24
N LEU A 291 -10.75 -12.50 8.99
CA LEU A 291 -10.08 -11.29 8.47
C LEU A 291 -11.10 -10.19 8.19
N PRO A 292 -11.06 -9.06 8.96
CA PRO A 292 -12.04 -7.98 8.80
C PRO A 292 -11.75 -7.11 7.58
N LEU A 293 -11.47 -7.68 6.45
CA LEU A 293 -11.23 -6.94 5.23
C LEU A 293 -11.98 -7.67 4.09
N HIS A 294 -12.54 -6.91 3.15
CA HIS A 294 -13.24 -7.50 1.99
C HIS A 294 -12.31 -7.71 0.81
N GLY A 295 -12.55 -8.76 0.03
CA GLY A 295 -11.93 -8.93 -1.24
C GLY A 295 -11.09 -10.18 -1.28
N GLU A 296 -11.23 -10.96 -2.35
CA GLU A 296 -10.43 -12.14 -2.53
C GLU A 296 -8.97 -11.77 -2.52
N HIS A 297 -8.64 -10.62 -3.10
CA HIS A 297 -7.27 -10.17 -3.10
C HIS A 297 -6.68 -10.05 -1.67
N GLN A 298 -7.49 -9.72 -0.68
CA GLN A 298 -6.98 -9.57 0.66
C GLN A 298 -6.72 -10.95 1.29
N ALA A 299 -7.39 -11.99 0.82
CA ALA A 299 -7.09 -13.35 1.25
C ALA A 299 -5.69 -13.74 0.81
N HIS A 300 -5.30 -13.34 -0.42
CA HIS A 300 -3.96 -13.57 -0.95
C HIS A 300 -2.89 -12.73 -0.27
N ASN A 301 -3.15 -11.44 0.01
CA ASN A 301 -2.29 -10.64 0.89
C ASN A 301 -2.14 -11.32 2.26
N ALA A 302 -3.22 -11.81 2.85
CA ALA A 302 -3.10 -12.42 4.14
C ALA A 302 -2.17 -13.63 4.08
N VAL A 303 -2.36 -14.50 3.11
CA VAL A 303 -1.57 -15.73 3.19
C VAL A 303 -0.07 -15.40 2.89
N LEU A 304 0.15 -14.38 2.05
CA LEU A 304 1.50 -13.82 1.83
C LEU A 304 2.09 -13.27 3.10
N ALA A 305 1.33 -12.51 3.82
CA ALA A 305 1.82 -11.92 5.09
C ALA A 305 2.15 -13.07 6.03
N LEU A 306 1.29 -14.07 6.07
CA LEU A 306 1.61 -15.25 6.93
C LEU A 306 2.92 -15.99 6.56
N ALA A 307 3.05 -16.47 5.31
CA ALA A 307 4.32 -17.08 4.86
C ALA A 307 5.55 -16.20 5.20
N SER A 308 5.41 -14.89 5.16
CA SER A 308 6.52 -13.99 5.42
C SER A 308 6.95 -13.97 6.85
N VAL A 309 5.95 -13.99 7.71
CA VAL A 309 6.21 -14.01 9.12
C VAL A 309 6.70 -15.43 9.52
N GLU A 310 6.20 -16.48 8.87
CA GLU A 310 6.74 -17.86 9.12
C GLU A 310 8.18 -17.89 8.67
N ALA A 311 8.45 -17.36 7.47
CA ALA A 311 9.82 -17.29 6.97
C ALA A 311 10.74 -16.56 7.92
N PHE A 312 10.28 -15.43 8.44
CA PHE A 312 11.04 -14.65 9.40
C PHE A 312 11.34 -15.33 10.72
N PHE A 313 10.36 -16.02 11.27
CA PHE A 313 10.61 -16.73 12.56
C PHE A 313 11.04 -18.19 12.36
N GLY A 314 11.05 -18.66 11.13
CA GLY A 314 11.60 -19.99 10.81
C GLY A 314 10.56 -21.09 10.89
N ALA A 315 9.27 -20.80 10.81
CA ALA A 315 8.24 -21.80 10.97
C ALA A 315 8.29 -22.88 9.89
N GLN A 320 6.05 -24.64 13.65
CA GLN A 320 4.70 -24.01 13.45
C GLN A 320 4.38 -22.78 14.35
N LEU A 321 3.98 -21.64 13.78
CA LEU A 321 3.52 -20.53 14.64
C LEU A 321 2.27 -20.88 15.43
N ASP A 322 2.17 -20.34 16.66
CA ASP A 322 0.97 -20.52 17.51
C ASP A 322 -0.27 -20.05 16.76
N GLY A 323 -1.23 -20.94 16.51
CA GLY A 323 -2.44 -20.52 15.77
C GLY A 323 -3.36 -19.48 16.44
N ASP A 324 -3.45 -19.46 17.77
CA ASP A 324 -4.19 -18.43 18.48
C ASP A 324 -3.60 -17.06 18.14
N ALA A 325 -2.26 -16.98 18.00
CA ALA A 325 -1.59 -15.71 17.68
C ALA A 325 -1.84 -15.25 16.22
N VAL A 326 -1.83 -16.20 15.28
CA VAL A 326 -2.16 -15.93 13.91
C VAL A 326 -3.62 -15.41 13.78
N ARG A 327 -4.55 -16.05 14.47
CA ARG A 327 -5.93 -15.66 14.47
C ARG A 327 -6.08 -14.28 15.08
N ALA A 328 -5.38 -14.04 16.20
CA ALA A 328 -5.48 -12.75 16.91
C ALA A 328 -4.91 -11.60 16.08
N GLY A 329 -3.76 -11.83 15.46
CA GLY A 329 -3.18 -10.89 14.51
C GLY A 329 -4.03 -10.56 13.32
N PHE A 330 -4.52 -11.56 12.59
CA PHE A 330 -5.39 -11.27 11.45
C PHE A 330 -6.68 -10.53 11.86
N ALA A 331 -7.25 -10.82 13.04
CA ALA A 331 -8.46 -10.15 13.46
C ALA A 331 -8.16 -8.67 13.86
N ALA A 332 -6.89 -8.34 14.22
CA ALA A 332 -6.52 -6.97 14.57
C ALA A 332 -6.09 -6.10 13.37
N VAL A 333 -6.08 -6.67 12.16
CA VAL A 333 -5.69 -5.95 10.95
C VAL A 333 -6.67 -4.85 10.54
N THR A 334 -6.10 -3.68 10.21
CA THR A 334 -6.82 -2.59 9.57
C THR A 334 -6.03 -2.27 8.28
N SER A 335 -6.72 -1.73 7.30
CA SER A 335 -6.08 -1.20 6.09
C SER A 335 -6.91 -0.03 5.62
N PRO A 336 -6.70 1.13 6.24
CA PRO A 336 -7.47 2.35 5.95
C PRO A 336 -7.41 2.74 4.48
N GLY A 337 -8.56 3.13 3.91
CA GLY A 337 -8.67 3.51 2.49
C GLY A 337 -8.51 2.37 1.50
N ARG A 338 -8.47 1.14 1.97
CA ARG A 338 -8.62 -0.05 1.08
C ARG A 338 -9.99 -0.72 1.38
N LEU A 339 -10.92 -0.52 0.46
CA LEU A 339 -12.34 -0.92 0.63
C LEU A 339 -12.81 -0.73 2.09
N GLU A 340 -12.69 0.50 2.57
CA GLU A 340 -13.06 0.79 3.93
C GLU A 340 -14.41 1.47 3.87
N ARG A 341 -15.37 0.96 4.60
CA ARG A 341 -16.70 1.46 4.66
C ARG A 341 -16.78 2.66 5.56
N MET A 342 -17.12 3.81 4.99
CA MET A 342 -17.25 5.07 5.82
C MET A 342 -18.58 5.11 6.62
N ARG A 343 -19.66 4.53 6.10
CA ARG A 343 -20.95 4.63 6.79
C ARG A 343 -21.86 3.65 6.06
N SER A 344 -23.01 3.32 6.62
CA SER A 344 -24.03 2.64 5.85
C SER A 344 -25.23 3.61 5.62
N ALA A 345 -26.21 3.23 4.78
CA ALA A 345 -27.46 4.03 4.52
C ALA A 345 -27.21 5.53 4.30
N PRO A 346 -26.68 5.92 3.14
CA PRO A 346 -26.27 4.97 2.10
C PRO A 346 -24.89 4.44 2.47
N THR A 347 -24.50 3.30 1.88
CA THR A 347 -23.22 2.76 2.13
C THR A 347 -22.17 3.56 1.34
N VAL A 348 -21.06 4.00 1.98
CA VAL A 348 -19.98 4.70 1.29
C VAL A 348 -18.67 3.98 1.58
N PHE A 349 -17.94 3.67 0.49
CA PHE A 349 -16.66 3.00 0.60
C PHE A 349 -15.61 3.96 0.07
N ILE A 350 -14.41 3.98 0.68
CA ILE A 350 -13.24 4.60 0.02
C ILE A 350 -12.34 3.45 -0.40
N ASP A 351 -11.73 3.49 -1.58
CA ASP A 351 -10.74 2.50 -1.97
C ASP A 351 -9.64 3.11 -2.79
N ALA A 352 -8.39 2.76 -2.51
CA ALA A 352 -7.25 3.47 -3.07
C ALA A 352 -6.87 2.94 -4.44
N ALA A 353 -7.77 2.20 -5.11
CA ALA A 353 -7.46 1.56 -6.43
C ALA A 353 -6.97 2.56 -7.47
N HIS A 354 -5.77 2.40 -7.96
CA HIS A 354 -5.20 3.37 -8.89
C HIS A 354 -4.49 2.72 -10.07
N ASN A 355 -4.79 1.48 -10.34
CA ASN A 355 -4.20 0.82 -11.51
C ASN A 355 -5.25 -0.17 -11.94
N PRO A 356 -5.11 -0.77 -13.12
CA PRO A 356 -6.20 -1.68 -13.58
C PRO A 356 -6.39 -2.99 -12.81
N ALA A 357 -5.31 -3.61 -12.37
CA ALA A 357 -5.41 -4.79 -11.54
C ALA A 357 -6.12 -4.44 -10.23
N GLY A 358 -5.80 -3.30 -9.62
CA GLY A 358 -6.47 -2.83 -8.36
C GLY A 358 -7.95 -2.50 -8.60
N ALA A 359 -8.23 -1.80 -9.67
CA ALA A 359 -9.58 -1.41 -10.14
C ALA A 359 -10.47 -2.66 -10.42
N SER A 360 -9.83 -3.68 -10.97
CA SER A 360 -10.55 -4.88 -11.32
C SER A 360 -10.77 -5.75 -10.05
N ALA A 361 -9.88 -5.65 -9.06
CA ALA A 361 -10.05 -6.33 -7.76
C ALA A 361 -11.14 -5.61 -6.98
N LEU A 362 -11.15 -4.27 -7.04
CA LEU A 362 -12.25 -3.54 -6.49
C LEU A 362 -13.65 -3.92 -7.10
N ALA A 363 -13.76 -4.04 -8.41
CA ALA A 363 -15.00 -4.42 -9.04
C ALA A 363 -15.50 -5.83 -8.76
N GLN A 364 -14.62 -6.80 -8.73
CA GLN A 364 -15.01 -8.12 -8.31
C GLN A 364 -15.55 -8.19 -6.91
N THR A 365 -14.90 -7.49 -5.97
CA THR A 365 -15.31 -7.49 -4.57
C THR A 365 -16.67 -6.83 -4.47
N LEU A 366 -16.84 -5.67 -5.12
CA LEU A 366 -18.15 -5.00 -5.06
C LEU A 366 -19.28 -5.88 -5.57
N ALA A 367 -19.06 -6.55 -6.71
CA ALA A 367 -20.06 -7.51 -7.28
C ALA A 367 -20.26 -8.87 -6.51
N HIS A 368 -19.20 -9.40 -5.93
CA HIS A 368 -19.29 -10.76 -5.35
C HIS A 368 -19.59 -10.81 -3.87
N GLU A 369 -19.13 -9.86 -3.08
CA GLU A 369 -19.27 -9.95 -1.64
C GLU A 369 -20.35 -9.01 -1.14
N PHE A 370 -20.93 -8.18 -2.01
CA PHE A 370 -22.11 -7.38 -1.64
C PHE A 370 -23.26 -7.58 -2.62
N ASP A 371 -24.41 -7.03 -2.28
CA ASP A 371 -25.57 -7.11 -3.14
C ASP A 371 -26.08 -5.71 -3.41
N PHE A 372 -25.32 -4.93 -4.19
CA PHE A 372 -25.74 -3.59 -4.52
C PHE A 372 -26.65 -3.61 -5.72
N ARG A 373 -27.79 -2.92 -5.59
CA ARG A 373 -28.71 -2.77 -6.73
C ARG A 373 -28.33 -1.49 -7.54
N PHE A 374 -27.59 -0.57 -6.90
CA PHE A 374 -27.17 0.70 -7.52
C PHE A 374 -25.89 1.31 -6.95
N LEU A 375 -24.92 1.56 -7.81
CA LEU A 375 -23.65 2.11 -7.35
C LEU A 375 -23.10 3.30 -8.15
N VAL A 376 -22.78 4.38 -7.45
CA VAL A 376 -22.16 5.52 -8.07
C VAL A 376 -20.66 5.57 -7.68
N GLY A 377 -19.78 5.81 -8.64
CA GLY A 377 -18.37 5.97 -8.36
C GLY A 377 -18.03 7.46 -8.31
N VAL A 378 -17.18 7.87 -7.37
CA VAL A 378 -16.66 9.22 -7.32
C VAL A 378 -15.21 8.97 -7.61
N LEU A 379 -14.66 9.68 -8.61
CA LEU A 379 -13.38 9.29 -9.18
C LEU A 379 -12.36 10.43 -9.35
N SER A 380 -11.13 10.29 -8.82
CA SER A 380 -10.10 11.18 -9.26
C SER A 380 -8.83 10.39 -9.38
N VAL A 381 -8.10 10.64 -10.47
CA VAL A 381 -6.97 9.82 -10.83
C VAL A 381 -5.74 10.74 -11.06
N LEU A 382 -4.55 10.26 -10.77
CA LEU A 382 -3.31 10.95 -11.12
C LEU A 382 -2.91 10.69 -12.60
N GLY A 383 -2.21 11.65 -13.21
CA GLY A 383 -1.89 11.60 -14.66
C GLY A 383 -0.86 10.55 -15.10
N ASP A 384 -0.15 9.91 -14.17
CA ASP A 384 0.78 8.87 -14.59
C ASP A 384 0.17 7.46 -14.59
N LYS A 385 -1.15 7.36 -14.45
CA LYS A 385 -1.76 6.04 -14.27
C LYS A 385 -2.30 5.58 -15.58
N ASP A 386 -2.58 4.27 -15.69
CA ASP A 386 -3.38 3.73 -16.84
C ASP A 386 -4.85 4.10 -16.61
N VAL A 387 -5.18 5.36 -16.89
CA VAL A 387 -6.52 5.88 -16.62
C VAL A 387 -7.64 5.07 -17.29
N ASP A 388 -7.42 4.74 -18.55
CA ASP A 388 -8.32 3.94 -19.34
C ASP A 388 -8.54 2.51 -18.82
N GLY A 389 -7.47 1.85 -18.44
CA GLY A 389 -7.63 0.50 -17.92
C GLY A 389 -8.41 0.52 -16.60
N ILE A 390 -8.31 1.60 -15.83
CA ILE A 390 -9.08 1.71 -14.56
C ILE A 390 -10.55 1.89 -14.88
N LEU A 391 -10.84 2.75 -15.84
CA LEU A 391 -12.21 3.05 -16.17
C LEU A 391 -12.91 1.83 -16.77
N ALA A 392 -12.17 1.03 -17.51
CA ALA A 392 -12.73 -0.15 -18.13
C ALA A 392 -13.05 -1.22 -17.10
N ALA A 393 -12.20 -1.32 -16.06
CA ALA A 393 -12.42 -2.28 -14.97
C ALA A 393 -13.65 -1.95 -14.13
N LEU A 394 -14.02 -0.67 -14.06
CA LEU A 394 -15.03 -0.21 -13.11
C LEU A 394 -16.38 0.00 -13.73
N GLU A 395 -16.39 0.14 -15.07
CA GLU A 395 -17.62 0.39 -15.81
C GLU A 395 -18.71 -0.68 -15.64
N PRO A 396 -18.32 -1.96 -15.56
CA PRO A 396 -19.43 -2.87 -15.38
C PRO A 396 -20.01 -2.83 -13.99
N VAL A 397 -19.42 -2.10 -13.01
CA VAL A 397 -20.02 -2.06 -11.67
C VAL A 397 -20.62 -0.76 -11.24
N PHE A 398 -20.20 0.33 -11.88
CA PHE A 398 -20.69 1.67 -11.53
C PHE A 398 -21.78 2.07 -12.49
N ASP A 399 -23.01 2.20 -11.99
CA ASP A 399 -24.17 2.70 -12.78
C ASP A 399 -23.85 4.08 -13.31
N SER A 400 -23.29 4.95 -12.47
CA SER A 400 -22.66 6.13 -13.01
C SER A 400 -21.38 6.45 -12.22
N VAL A 401 -20.64 7.45 -12.69
CA VAL A 401 -19.43 7.84 -12.04
C VAL A 401 -19.50 9.40 -12.01
N VAL A 402 -19.07 10.02 -10.91
CA VAL A 402 -18.98 11.49 -10.87
C VAL A 402 -17.50 11.78 -10.93
N VAL A 403 -16.94 12.47 -11.92
CA VAL A 403 -15.46 12.64 -11.88
C VAL A 403 -15.07 13.96 -11.29
N THR A 404 -13.91 13.98 -10.64
CA THR A 404 -13.50 15.17 -9.95
C THR A 404 -11.96 15.32 -9.87
N HIS A 405 -11.50 16.33 -9.11
CA HIS A 405 -10.08 16.63 -8.85
C HIS A 405 -9.81 16.50 -7.33
N ASN A 406 -8.82 15.69 -6.96
CA ASN A 406 -8.58 15.32 -5.58
C ASN A 406 -7.72 16.32 -4.78
N GLY A 407 -7.37 17.42 -5.45
CA GLY A 407 -6.53 18.45 -4.87
C GLY A 407 -5.03 18.21 -5.00
N SER A 408 -4.60 17.06 -5.46
CA SER A 408 -3.16 16.88 -5.76
C SER A 408 -2.72 17.66 -7.03
N PRO A 409 -1.52 18.28 -7.00
CA PRO A 409 -0.97 18.94 -8.20
C PRO A 409 -0.66 17.98 -9.36
N ARG A 410 -0.63 16.69 -9.07
CA ARG A 410 -0.33 15.63 -10.04
C ARG A 410 -1.65 15.00 -10.54
N ALA A 411 -2.78 15.50 -10.06
CA ALA A 411 -4.06 14.97 -10.53
C ALA A 411 -4.40 15.33 -11.97
N LEU A 412 -5.12 14.43 -12.60
CA LEU A 412 -5.72 14.66 -13.89
C LEU A 412 -6.83 15.71 -13.77
N ASP A 413 -6.85 16.66 -14.70
CA ASP A 413 -7.87 17.71 -14.69
C ASP A 413 -9.28 17.14 -14.99
N VAL A 414 -10.31 17.74 -14.43
CA VAL A 414 -11.66 17.18 -14.49
C VAL A 414 -12.07 16.92 -15.92
N GLU A 415 -11.93 17.91 -16.81
CA GLU A 415 -12.26 17.75 -18.24
C GLU A 415 -11.55 16.55 -18.91
N ALA A 416 -10.23 16.44 -18.71
CA ALA A 416 -9.50 15.33 -19.32
C ALA A 416 -10.04 13.98 -18.86
N LEU A 417 -10.44 13.87 -17.59
CA LEU A 417 -10.99 12.62 -16.98
C LEU A 417 -12.43 12.33 -17.43
N ALA A 418 -13.25 13.37 -17.54
CA ALA A 418 -14.63 13.27 -18.09
C ALA A 418 -14.66 12.78 -19.55
N LEU A 419 -13.70 13.24 -20.35
CA LEU A 419 -13.57 12.76 -21.72
C LEU A 419 -13.16 11.28 -21.73
N ALA A 420 -12.10 10.93 -21.00
CA ALA A 420 -11.69 9.54 -20.87
C ALA A 420 -12.86 8.69 -20.40
N ALA A 421 -13.50 9.12 -19.31
CA ALA A 421 -14.67 8.45 -18.71
C ALA A 421 -15.83 8.32 -19.69
N GLY A 422 -16.04 9.33 -20.53
CA GLY A 422 -17.15 9.37 -21.48
C GLY A 422 -16.99 8.31 -22.58
N GLU A 423 -15.73 8.08 -23.01
CA GLU A 423 -15.35 7.14 -24.05
C GLU A 423 -15.59 5.68 -23.62
N ARG A 424 -15.75 5.51 -22.33
CA ARG A 424 -15.83 4.23 -21.65
C ARG A 424 -17.25 4.06 -21.12
N PHE A 425 -17.78 5.06 -20.41
CA PHE A 425 -19.11 4.94 -19.83
C PHE A 425 -20.24 5.36 -20.76
N GLY A 426 -19.92 6.17 -21.77
CA GLY A 426 -20.94 6.88 -22.48
C GLY A 426 -21.18 8.18 -21.75
N PRO A 427 -21.38 9.29 -22.49
CA PRO A 427 -21.52 10.61 -21.90
C PRO A 427 -22.58 10.76 -20.79
N ASP A 428 -23.74 10.11 -20.92
CA ASP A 428 -24.84 10.27 -19.94
C ASP A 428 -24.68 9.56 -18.59
N ARG A 429 -23.62 8.77 -18.40
CA ARG A 429 -23.37 8.14 -17.09
C ARG A 429 -22.18 8.82 -16.39
N VAL A 430 -21.76 9.96 -16.92
CA VAL A 430 -20.64 10.71 -16.36
C VAL A 430 -21.14 12.07 -15.88
N ARG A 431 -20.81 12.43 -14.63
CA ARG A 431 -21.03 13.77 -14.15
C ARG A 431 -19.70 14.32 -13.67
N THR A 432 -19.60 15.63 -13.52
CA THR A 432 -18.36 16.22 -13.01
C THR A 432 -18.68 17.03 -11.79
N ALA A 433 -17.66 17.32 -10.98
CA ALA A 433 -17.80 18.23 -9.85
C ALA A 433 -16.48 18.96 -9.58
N GLU A 434 -16.51 20.15 -9.04
CA GLU A 434 -15.25 20.88 -8.90
C GLU A 434 -14.25 20.28 -7.89
N ASN A 435 -14.75 19.60 -6.86
CA ASN A 435 -13.87 19.06 -5.87
C ASN A 435 -14.57 17.94 -5.18
N LEU A 436 -13.81 17.26 -4.33
CA LEU A 436 -14.25 16.02 -3.73
C LEU A 436 -15.57 16.15 -2.92
N ARG A 437 -15.73 17.24 -2.18
CA ARG A 437 -16.95 17.38 -1.37
C ARG A 437 -18.20 17.62 -2.27
N ASP A 438 -18.08 18.48 -3.28
CA ASP A 438 -19.13 18.56 -4.29
C ASP A 438 -19.43 17.21 -4.96
N ALA A 439 -18.40 16.48 -5.38
CA ALA A 439 -18.56 15.20 -6.09
C ALA A 439 -19.30 14.22 -5.21
N ILE A 440 -19.03 14.20 -3.90
CA ILE A 440 -19.82 13.36 -2.99
C ILE A 440 -21.30 13.84 -2.82
N ASP A 441 -21.52 15.16 -2.95
CA ASP A 441 -22.87 15.71 -2.91
C ASP A 441 -23.66 15.26 -4.16
N VAL A 442 -23.08 15.47 -5.35
CA VAL A 442 -23.69 14.96 -6.58
C VAL A 442 -24.01 13.44 -6.50
N ALA A 443 -23.04 12.63 -6.05
CA ALA A 443 -23.25 11.18 -5.98
C ALA A 443 -24.36 10.83 -4.99
N THR A 444 -24.40 11.58 -3.89
CA THR A 444 -25.37 11.33 -2.87
C THR A 444 -26.79 11.47 -3.43
N SER A 445 -27.03 12.51 -4.23
CA SER A 445 -28.37 12.77 -4.69
C SER A 445 -28.73 11.82 -5.84
N LEU A 446 -27.73 11.30 -6.56
CA LEU A 446 -27.92 10.19 -7.45
C LEU A 446 -28.39 8.92 -6.71
N VAL A 447 -27.80 8.60 -5.54
CA VAL A 447 -28.27 7.47 -4.72
C VAL A 447 -29.63 7.77 -4.09
N ASP A 448 -29.92 9.04 -3.78
CA ASP A 448 -31.29 9.49 -3.35
C ASP A 448 -32.35 9.24 -4.41
N ASP A 449 -32.12 9.80 -5.59
CA ASP A 449 -32.95 9.57 -6.74
C ASP A 449 -33.15 8.06 -7.03
N ALA A 450 -32.09 7.25 -6.95
CA ALA A 450 -32.22 5.79 -7.22
C ALA A 450 -32.96 5.05 -6.13
N ALA A 451 -32.75 5.47 -4.88
CA ALA A 451 -33.50 4.97 -3.72
C ALA A 451 -34.99 5.16 -3.91
N ALA A 452 -35.36 6.21 -4.62
CA ALA A 452 -36.75 6.58 -4.74
C ALA A 452 -37.33 6.03 -6.06
N ASP A 453 -36.64 5.06 -6.64
CA ASP A 453 -37.00 4.57 -7.95
C ASP A 453 -37.21 3.05 -7.86
N PRO A 454 -38.49 2.62 -7.75
CA PRO A 454 -38.98 1.28 -7.37
C PRO A 454 -38.39 0.14 -8.16
N ASP A 455 -38.20 0.34 -9.47
CA ASP A 455 -37.58 -0.66 -10.35
C ASP A 455 -36.03 -0.50 -10.52
N VAL A 456 -35.36 -0.02 -9.48
CA VAL A 456 -33.90 0.16 -9.55
C VAL A 456 -33.22 -0.33 -8.26
N ARG A 463 -29.84 -0.79 -0.55
CA ARG A 463 -28.92 -1.58 -1.38
C ARG A 463 -28.23 -0.71 -2.41
N THR A 464 -27.95 0.54 -2.02
CA THR A 464 -27.28 1.50 -2.86
C THR A 464 -25.94 1.90 -2.25
N GLY A 465 -25.03 2.41 -3.06
CA GLY A 465 -23.78 2.86 -2.54
C GLY A 465 -22.97 3.83 -3.38
N ILE A 466 -21.96 4.37 -2.71
CA ILE A 466 -21.01 5.27 -3.30
C ILE A 466 -19.65 4.68 -3.04
N VAL A 467 -18.82 4.71 -4.06
CA VAL A 467 -17.45 4.21 -3.94
C VAL A 467 -16.55 5.34 -4.47
N ILE A 468 -15.64 5.81 -3.60
CA ILE A 468 -14.69 6.88 -3.88
C ILE A 468 -13.29 6.25 -4.11
N THR A 469 -12.72 6.45 -5.31
CA THR A 469 -11.55 5.70 -5.63
C THR A 469 -10.69 6.41 -6.73
N GLY A 470 -9.55 5.82 -7.13
CA GLY A 470 -8.82 6.33 -8.31
C GLY A 470 -7.40 6.69 -7.87
N SER A 471 -7.26 6.89 -6.57
CA SER A 471 -6.01 7.36 -6.11
C SER A 471 -5.98 7.17 -4.60
N VAL A 472 -4.78 7.03 -4.04
CA VAL A 472 -4.48 7.08 -2.63
C VAL A 472 -4.85 8.44 -2.10
N VAL A 473 -4.60 9.47 -2.89
CA VAL A 473 -4.92 10.85 -2.46
C VAL A 473 -6.44 11.11 -2.44
N THR A 474 -7.21 10.54 -3.38
CA THR A 474 -8.69 10.63 -3.35
C THR A 474 -9.32 9.90 -2.17
N ALA A 475 -8.87 8.66 -1.89
CA ALA A 475 -9.33 7.95 -0.72
C ALA A 475 -8.88 8.65 0.60
N GLY A 476 -7.64 9.09 0.66
CA GLY A 476 -7.19 9.86 1.82
C GLY A 476 -7.92 11.18 2.05
N ALA A 477 -8.21 11.96 0.99
CA ALA A 477 -8.96 13.21 1.18
C ALA A 477 -10.37 12.88 1.59
N ALA A 478 -10.94 11.81 1.09
CA ALA A 478 -12.32 11.52 1.48
C ALA A 478 -12.36 11.00 2.91
N ARG A 479 -11.31 10.33 3.34
CA ARG A 479 -11.28 9.79 4.68
C ARG A 479 -11.26 10.94 5.72
N THR A 480 -10.53 11.99 5.37
CA THR A 480 -10.46 13.20 6.19
C THR A 480 -11.84 13.93 6.25
N LEU A 481 -12.57 13.99 5.14
CA LEU A 481 -13.93 14.48 5.12
C LEU A 481 -14.93 13.68 5.99
N PHE A 482 -14.82 12.35 6.04
CA PHE A 482 -15.65 11.59 7.01
C PHE A 482 -15.09 11.70 8.45
N GLY A 483 -14.11 12.56 8.66
CA GLY A 483 -13.60 12.83 10.01
C GLY A 483 -12.71 11.77 10.69
N ARG A 484 -12.18 10.80 9.95
CA ARG A 484 -11.42 9.70 10.57
C ARG A 484 -9.98 10.10 10.96
N ASP A 485 -9.47 9.55 12.05
CA ASP A 485 -8.09 9.87 12.40
C ASP A 485 -7.13 9.04 11.57
N PRO A 486 -6.00 9.63 11.21
CA PRO A 486 -4.89 8.88 10.58
C PRO A 486 -4.54 7.60 11.40
N GLN A 487 -4.15 6.54 10.72
CA GLN A 487 -4.15 5.24 11.32
C GLN A 487 -3.01 4.33 10.85
#